data_6PG7
#
_entry.id   6PG7
#
_cell.length_a   46.963
_cell.length_b   65.303
_cell.length_c   97.307
_cell.angle_alpha   90.00
_cell.angle_beta   90.00
_cell.angle_gamma   90.00
#
_symmetry.space_group_name_H-M   'P 21 21 21'
#
loop_
_entity.id
_entity.type
_entity.pdbx_description
1 polymer 'WD repeat-containing protein 5'
2 non-polymer {2-[(3S)-3-methoxy-3-phenylpropyl]-1H-imidazol-4-yl}methanol
3 non-polymer DI(HYDROXYETHYL)ETHER
4 water water
#
_entity_poly.entity_id   1
_entity_poly.type   'polypeptide(L)'
_entity_poly.pdbx_seq_one_letter_code
;GSKPNYALKFTLAGHTKAVSSVKFSPNGEWLASSSADKLIKIWGAYDGKFEKTISGHKLGISDVAWSSDSNLLVSASDDK
TLKIWDVSSGKCLKTLKGHSNYVFCCNFNPQSNLIVSGSFDESVRIWDVKTGKCLKTLPAHSDPVSAVHFNRDGSLIVSS
SYDGLCRIWDTASGQCLKTLIDDDNPPVSFVKFSPNGKYILAATLDNTLKLWDYSKGKCLKTYTGHKNEKYCIFANFSVT
GGKWIVSGSEDNLVYIWNLQTKEIVQKLQGHTDVVISTACHPTENIIASAALENDKTIKLWKSDC
;
_entity_poly.pdbx_strand_id   A
#
loop_
_chem_comp.id
_chem_comp.type
_chem_comp.name
_chem_comp.formula
OH4 non-polymer {2-[(3S)-3-methoxy-3-phenylpropyl]-1H-imidazol-4-yl}methanol 'C14 H18 N2 O2'
PEG non-polymer DI(HYDROXYETHYL)ETHER 'C4 H10 O3'
#
# COMPACT_ATOMS: atom_id res chain seq x y z
N GLY A 1 13.33 -14.23 18.89
CA GLY A 1 11.96 -13.70 18.61
C GLY A 1 11.70 -12.33 19.22
N SER A 2 12.56 -11.83 20.14
CA SER A 2 12.31 -10.65 21.03
C SER A 2 12.42 -9.32 20.25
N LYS A 3 13.49 -9.16 19.49
CA LYS A 3 13.77 -7.93 18.70
C LYS A 3 14.33 -8.37 17.36
N PRO A 4 13.86 -7.81 16.22
CA PRO A 4 14.27 -8.31 14.91
C PRO A 4 15.70 -7.87 14.58
N ASN A 5 16.35 -8.54 13.64
CA ASN A 5 17.73 -8.21 13.17
C ASN A 5 17.75 -8.28 11.63
N TYR A 6 16.79 -7.61 11.00
CA TYR A 6 16.70 -7.43 9.53
C TYR A 6 18.06 -6.94 9.01
N ALA A 7 18.61 -7.64 8.02
CA ALA A 7 19.88 -7.25 7.35
C ALA A 7 19.68 -7.31 5.84
N LEU A 8 20.39 -6.42 5.13
CA LEU A 8 20.28 -6.23 3.67
C LEU A 8 20.76 -7.49 2.97
N LYS A 9 19.91 -8.06 2.09
CA LYS A 9 20.23 -9.31 1.36
C LYS A 9 20.46 -9.01 -0.13
N PHE A 10 19.62 -8.18 -0.74
CA PHE A 10 19.69 -7.81 -2.18
C PHE A 10 19.22 -6.38 -2.38
N THR A 11 19.89 -5.68 -3.30
CA THR A 11 19.43 -4.40 -3.87
C THR A 11 19.00 -4.68 -5.32
N LEU A 12 17.77 -4.28 -5.67
CA LEU A 12 17.12 -4.55 -6.98
C LEU A 12 17.13 -3.26 -7.78
N ALA A 13 17.86 -3.25 -8.90
CA ALA A 13 18.00 -2.06 -9.77
C ALA A 13 17.28 -2.33 -11.09
N GLY A 14 16.74 -1.29 -11.70
CA GLY A 14 16.07 -1.39 -13.01
C GLY A 14 15.22 -0.17 -13.32
N HIS A 15 14.49 0.31 -12.32
CA HIS A 15 13.54 1.46 -12.46
C HIS A 15 14.37 2.70 -12.75
N THR A 16 13.89 3.59 -13.61
CA THR A 16 14.65 4.78 -14.08
C THR A 16 14.07 6.07 -13.46
N LYS A 17 12.99 5.94 -12.68
CA LYS A 17 12.43 7.05 -11.85
C LYS A 17 12.10 6.50 -10.47
N ALA A 18 11.56 7.35 -9.60
CA ALA A 18 11.01 7.02 -8.26
C ALA A 18 10.18 5.73 -8.32
N VAL A 19 10.40 4.82 -7.40
CA VAL A 19 9.51 3.65 -7.14
C VAL A 19 8.35 4.19 -6.29
N SER A 20 7.12 3.73 -6.55
CA SER A 20 5.89 4.22 -5.89
C SER A 20 5.32 3.18 -4.91
N SER A 21 5.44 1.88 -5.20
N SER A 21 5.44 1.88 -5.20
CA SER A 21 4.96 0.80 -4.29
CA SER A 21 4.93 0.80 -4.31
C SER A 21 5.65 -0.54 -4.59
C SER A 21 5.62 -0.54 -4.59
N VAL A 22 5.76 -1.38 -3.55
CA VAL A 22 6.20 -2.80 -3.66
C VAL A 22 5.21 -3.65 -2.86
N LYS A 23 4.88 -4.82 -3.39
CA LYS A 23 3.90 -5.77 -2.81
C LYS A 23 4.36 -7.21 -3.09
N PHE A 24 4.35 -8.07 -2.08
CA PHE A 24 4.63 -9.51 -2.22
C PHE A 24 3.36 -10.19 -2.71
N SER A 25 3.49 -11.14 -3.64
CA SER A 25 2.38 -12.03 -4.05
C SER A 25 1.95 -12.83 -2.82
N PRO A 26 0.63 -13.06 -2.63
CA PRO A 26 0.16 -13.89 -1.51
C PRO A 26 0.81 -15.27 -1.38
N ASN A 27 1.16 -15.93 -2.50
CA ASN A 27 1.81 -17.26 -2.50
C ASN A 27 3.31 -17.13 -2.16
N GLY A 28 3.83 -15.90 -2.00
CA GLY A 28 5.19 -15.62 -1.47
C GLY A 28 6.29 -15.63 -2.53
N GLU A 29 5.92 -15.90 -3.80
CA GLU A 29 6.85 -16.21 -4.93
C GLU A 29 7.54 -14.93 -5.41
N TRP A 30 6.79 -13.84 -5.45
CA TRP A 30 7.12 -12.66 -6.28
C TRP A 30 7.06 -11.39 -5.44
N LEU A 31 7.93 -10.44 -5.74
CA LEU A 31 7.70 -9.02 -5.40
C LEU A 31 7.29 -8.28 -6.68
N ALA A 32 6.23 -7.49 -6.64
CA ALA A 32 5.83 -6.58 -7.72
C ALA A 32 6.18 -5.15 -7.30
N SER A 33 6.77 -4.38 -8.20
CA SER A 33 7.12 -2.96 -7.99
C SER A 33 6.45 -2.11 -9.07
N SER A 34 6.02 -0.90 -8.72
CA SER A 34 5.46 0.11 -9.64
C SER A 34 6.32 1.38 -9.55
N SER A 35 6.31 2.22 -10.58
CA SER A 35 7.23 3.39 -10.67
C SER A 35 6.68 4.54 -11.53
N ALA A 36 7.19 5.75 -11.26
CA ALA A 36 6.95 6.99 -12.02
C ALA A 36 7.43 6.79 -13.47
N ASP A 37 8.19 5.72 -13.73
CA ASP A 37 8.73 5.39 -15.08
C ASP A 37 7.70 4.61 -15.89
N LYS A 38 6.48 4.44 -15.38
CA LYS A 38 5.30 3.88 -16.13
C LYS A 38 5.36 2.35 -16.19
N LEU A 39 6.29 1.71 -15.51
CA LEU A 39 6.48 0.24 -15.65
C LEU A 39 6.11 -0.46 -14.34
N ILE A 40 5.71 -1.72 -14.45
CA ILE A 40 5.64 -2.70 -13.33
C ILE A 40 6.77 -3.69 -13.56
N LYS A 41 7.47 -4.07 -12.51
CA LYS A 41 8.53 -5.08 -12.62
C LYS A 41 8.29 -6.18 -11.58
N ILE A 42 8.58 -7.41 -11.99
CA ILE A 42 8.36 -8.60 -11.14
C ILE A 42 9.73 -9.14 -10.79
N TRP A 43 9.92 -9.46 -9.51
CA TRP A 43 11.20 -9.96 -8.97
C TRP A 43 10.93 -11.20 -8.14
N GLY A 44 11.96 -12.02 -7.97
CA GLY A 44 11.93 -13.19 -7.08
C GLY A 44 12.11 -12.76 -5.64
N ALA A 45 11.12 -13.05 -4.80
CA ALA A 45 11.07 -12.70 -3.36
C ALA A 45 12.34 -13.17 -2.62
N TYR A 46 12.86 -14.36 -2.93
CA TYR A 46 13.91 -15.03 -2.10
C TYR A 46 15.32 -14.78 -2.64
N ASP A 47 15.45 -14.35 -3.89
CA ASP A 47 16.81 -14.14 -4.46
C ASP A 47 16.90 -12.82 -5.22
N GLY A 48 15.83 -12.03 -5.29
CA GLY A 48 15.82 -10.71 -5.94
C GLY A 48 16.04 -10.77 -7.45
N LYS A 49 15.88 -11.96 -8.04
CA LYS A 49 16.13 -12.17 -9.49
C LYS A 49 15.02 -11.46 -10.27
N PHE A 50 15.42 -10.48 -11.10
CA PHE A 50 14.54 -9.78 -12.07
C PHE A 50 13.86 -10.83 -12.95
N GLU A 51 12.54 -10.80 -12.99
CA GLU A 51 11.74 -11.78 -13.77
C GLU A 51 11.24 -11.11 -15.05
N LYS A 52 10.54 -9.96 -14.97
CA LYS A 52 10.01 -9.30 -16.20
C LYS A 52 9.58 -7.85 -15.95
N THR A 53 9.30 -7.15 -17.04
CA THR A 53 8.70 -5.80 -17.08
C THR A 53 7.30 -5.94 -17.65
N ILE A 54 6.34 -5.16 -17.15
CA ILE A 54 4.95 -5.11 -17.69
C ILE A 54 4.68 -3.65 -18.10
N SER A 55 4.17 -3.45 -19.32
CA SER A 55 4.14 -2.15 -20.03
C SER A 55 2.75 -1.86 -20.56
N GLY A 56 2.34 -0.59 -20.58
CA GLY A 56 1.07 -0.18 -21.20
C GLY A 56 0.55 1.16 -20.73
N HIS A 57 0.80 1.55 -19.48
CA HIS A 57 0.36 2.86 -18.93
C HIS A 57 1.15 3.93 -19.69
N LYS A 58 0.47 5.05 -20.02
CA LYS A 58 1.03 6.17 -20.83
C LYS A 58 1.61 7.24 -19.91
N LEU A 59 1.43 7.12 -18.59
CA LEU A 59 2.04 8.02 -17.57
C LEU A 59 2.46 7.19 -16.34
N GLY A 60 3.08 7.83 -15.36
CA GLY A 60 3.57 7.20 -14.12
C GLY A 60 2.50 6.37 -13.38
N ILE A 61 2.96 5.39 -12.61
CA ILE A 61 2.12 4.46 -11.79
C ILE A 61 2.36 4.77 -10.30
N SER A 62 1.29 4.93 -9.53
CA SER A 62 1.32 5.27 -8.09
C SER A 62 1.15 4.02 -7.21
N ASP A 63 0.49 2.97 -7.69
CA ASP A 63 0.20 1.79 -6.83
C ASP A 63 0.01 0.55 -7.68
N VAL A 64 0.30 -0.62 -7.10
CA VAL A 64 0.01 -1.94 -7.72
C VAL A 64 -0.50 -2.88 -6.62
N ALA A 65 -1.45 -3.76 -6.95
CA ALA A 65 -2.00 -4.75 -6.00
C ALA A 65 -2.21 -6.13 -6.65
N TRP A 66 -2.10 -7.20 -5.86
CA TRP A 66 -2.23 -8.63 -6.25
C TRP A 66 -3.65 -9.17 -5.98
N SER A 67 -4.17 -10.03 -6.84
CA SER A 67 -5.37 -10.86 -6.57
C SER A 67 -5.01 -11.97 -5.56
N SER A 68 -6.00 -12.53 -4.85
CA SER A 68 -5.81 -13.61 -3.83
C SER A 68 -4.98 -14.75 -4.41
N ASP A 69 -5.25 -15.15 -5.66
CA ASP A 69 -4.64 -16.37 -6.27
C ASP A 69 -3.25 -16.08 -6.86
N SER A 70 -2.73 -14.85 -6.77
CA SER A 70 -1.39 -14.44 -7.27
C SER A 70 -1.32 -14.42 -8.82
N ASN A 71 -2.46 -14.40 -9.51
CA ASN A 71 -2.48 -14.57 -11.00
C ASN A 71 -2.74 -13.21 -11.68
N LEU A 72 -3.26 -12.21 -10.96
CA LEU A 72 -3.61 -10.89 -11.52
C LEU A 72 -2.88 -9.79 -10.76
N LEU A 73 -2.60 -8.69 -11.45
CA LEU A 73 -2.23 -7.41 -10.84
C LEU A 73 -3.22 -6.36 -11.28
N VAL A 74 -3.46 -5.37 -10.42
CA VAL A 74 -4.12 -4.09 -10.80
C VAL A 74 -3.13 -2.96 -10.50
N SER A 75 -3.12 -1.94 -11.35
CA SER A 75 -2.26 -0.76 -11.19
C SER A 75 -3.07 0.51 -11.40
N ALA A 76 -2.64 1.58 -10.72
CA ALA A 76 -3.30 2.90 -10.66
C ALA A 76 -2.30 3.92 -11.21
N SER A 77 -2.69 4.74 -12.18
CA SER A 77 -1.76 5.56 -13.01
C SER A 77 -2.24 7.00 -13.11
N ASP A 78 -1.31 7.91 -13.35
CA ASP A 78 -1.60 9.33 -13.69
C ASP A 78 -2.31 9.46 -15.05
N ASP A 79 -2.35 8.42 -15.86
CA ASP A 79 -3.12 8.45 -17.14
C ASP A 79 -4.63 8.32 -16.84
N LYS A 80 -5.04 8.34 -15.56
CA LYS A 80 -6.45 8.41 -15.11
C LYS A 80 -7.12 7.03 -15.18
N THR A 81 -6.36 5.97 -15.45
CA THR A 81 -6.93 4.62 -15.56
C THR A 81 -6.33 3.69 -14.52
N LEU A 82 -6.99 2.55 -14.36
CA LEU A 82 -6.37 1.34 -13.81
C LEU A 82 -6.26 0.30 -14.92
N LYS A 83 -5.32 -0.61 -14.78
CA LYS A 83 -5.16 -1.76 -15.70
C LYS A 83 -5.11 -3.06 -14.89
N ILE A 84 -5.84 -4.07 -15.35
CA ILE A 84 -5.72 -5.44 -14.79
C ILE A 84 -4.78 -6.22 -15.70
N TRP A 85 -3.79 -6.86 -15.12
CA TRP A 85 -2.72 -7.58 -15.86
C TRP A 85 -2.79 -9.05 -15.53
N ASP A 86 -2.81 -9.92 -16.54
CA ASP A 86 -2.44 -11.34 -16.35
C ASP A 86 -0.93 -11.35 -16.13
N VAL A 87 -0.46 -11.82 -14.98
CA VAL A 87 0.98 -11.69 -14.57
C VAL A 87 1.83 -12.65 -15.40
N SER A 88 1.30 -13.83 -15.69
CA SER A 88 2.03 -14.90 -16.38
C SER A 88 2.31 -14.47 -17.83
N SER A 89 1.29 -14.01 -18.55
CA SER A 89 1.40 -13.59 -19.98
C SER A 89 1.98 -12.17 -20.10
N GLY A 90 1.90 -11.37 -19.04
CA GLY A 90 2.33 -9.97 -19.05
C GLY A 90 1.37 -9.08 -19.82
N LYS A 91 0.17 -9.56 -20.15
CA LYS A 91 -0.80 -8.84 -21.02
C LYS A 91 -1.80 -8.06 -20.19
N CYS A 92 -2.16 -6.87 -20.66
CA CYS A 92 -3.26 -6.06 -20.10
C CYS A 92 -4.60 -6.73 -20.43
N LEU A 93 -5.39 -7.11 -19.43
CA LEU A 93 -6.72 -7.76 -19.64
C LEU A 93 -7.82 -6.70 -19.77
N LYS A 94 -7.80 -5.65 -18.97
CA LYS A 94 -8.86 -4.60 -18.98
C LYS A 94 -8.25 -3.25 -18.61
N THR A 95 -8.81 -2.17 -19.14
CA THR A 95 -8.52 -0.79 -18.70
C THR A 95 -9.77 -0.20 -18.05
N LEU A 96 -9.63 0.22 -16.78
CA LEU A 96 -10.75 0.76 -15.97
C LEU A 96 -10.76 2.28 -16.13
N LYS A 97 -11.71 2.79 -16.91
CA LYS A 97 -11.86 4.24 -17.19
C LYS A 97 -13.08 4.77 -16.42
N GLY A 98 -12.97 5.99 -15.89
CA GLY A 98 -14.06 6.66 -15.17
C GLY A 98 -13.56 7.81 -14.31
N HIS A 99 -12.43 7.62 -13.64
CA HIS A 99 -11.77 8.70 -12.83
C HIS A 99 -11.43 9.87 -13.74
N SER A 100 -11.56 11.10 -13.24
CA SER A 100 -11.33 12.37 -13.97
C SER A 100 -9.97 13.00 -13.59
N ASN A 101 -9.16 12.32 -12.78
CA ASN A 101 -7.76 12.76 -12.45
C ASN A 101 -6.92 11.52 -12.10
N TYR A 102 -5.67 11.74 -11.69
CA TYR A 102 -4.69 10.69 -11.32
C TYR A 102 -5.37 9.65 -10.44
N VAL A 103 -5.14 8.37 -10.71
CA VAL A 103 -5.53 7.28 -9.78
C VAL A 103 -4.32 6.99 -8.91
N PHE A 104 -4.48 7.07 -7.58
CA PHE A 104 -3.37 7.06 -6.59
C PHE A 104 -3.23 5.70 -5.91
N CYS A 105 -4.33 5.00 -5.63
CA CYS A 105 -4.29 3.78 -4.80
C CYS A 105 -5.30 2.75 -5.31
N CYS A 106 -5.03 1.47 -5.06
CA CYS A 106 -5.90 0.37 -5.50
C CYS A 106 -5.68 -0.89 -4.65
N ASN A 107 -6.67 -1.76 -4.63
CA ASN A 107 -6.59 -3.07 -3.95
C ASN A 107 -7.69 -3.97 -4.48
N PHE A 108 -7.45 -5.27 -4.46
CA PHE A 108 -8.47 -6.33 -4.71
C PHE A 108 -9.16 -6.59 -3.37
N ASN A 109 -10.43 -6.99 -3.42
CA ASN A 109 -11.11 -7.59 -2.25
C ASN A 109 -10.61 -9.04 -2.17
N PRO A 110 -10.77 -9.74 -1.02
CA PRO A 110 -10.30 -11.12 -0.89
C PRO A 110 -10.91 -12.10 -1.90
N GLN A 111 -12.18 -11.92 -2.31
CA GLN A 111 -12.84 -12.72 -3.39
C GLN A 111 -12.14 -12.47 -4.73
N SER A 112 -11.57 -11.26 -4.88
CA SER A 112 -10.83 -10.76 -6.07
C SER A 112 -11.79 -10.66 -7.26
N ASN A 113 -13.06 -10.37 -6.99
CA ASN A 113 -14.10 -10.09 -8.01
C ASN A 113 -14.29 -8.57 -8.09
N LEU A 114 -13.75 -7.81 -7.14
CA LEU A 114 -13.87 -6.34 -7.15
C LEU A 114 -12.48 -5.71 -6.98
N ILE A 115 -12.34 -4.52 -7.54
CA ILE A 115 -11.19 -3.63 -7.29
C ILE A 115 -11.72 -2.33 -6.71
N VAL A 116 -11.04 -1.80 -5.70
CA VAL A 116 -11.32 -0.45 -5.15
C VAL A 116 -10.16 0.47 -5.53
N SER A 117 -10.49 1.70 -5.96
CA SER A 117 -9.55 2.75 -6.43
C SER A 117 -9.80 4.06 -5.69
N GLY A 118 -8.74 4.82 -5.44
CA GLY A 118 -8.79 6.19 -4.90
C GLY A 118 -8.10 7.15 -5.84
N SER A 119 -8.65 8.35 -6.01
CA SER A 119 -8.12 9.30 -7.01
C SER A 119 -7.98 10.72 -6.44
N PHE A 120 -7.22 11.53 -7.17
CA PHE A 120 -7.09 12.99 -6.97
C PHE A 120 -8.44 13.66 -7.21
N ASP A 121 -9.37 13.00 -7.93
CA ASP A 121 -10.74 13.51 -8.24
C ASP A 121 -11.64 13.36 -6.99
N GLU A 122 -11.09 12.82 -5.89
CA GLU A 122 -11.67 12.90 -4.52
C GLU A 122 -12.75 11.83 -4.37
N SER A 123 -12.81 10.89 -5.30
CA SER A 123 -13.80 9.81 -5.25
C SER A 123 -13.10 8.46 -5.02
N VAL A 124 -13.85 7.52 -4.51
CA VAL A 124 -13.47 6.09 -4.46
C VAL A 124 -14.42 5.39 -5.42
N ARG A 125 -13.91 4.50 -6.26
CA ARG A 125 -14.73 3.73 -7.22
C ARG A 125 -14.53 2.25 -6.95
N ILE A 126 -15.56 1.47 -7.22
CA ILE A 126 -15.54 -0.01 -7.09
C ILE A 126 -15.73 -0.57 -8.49
N TRP A 127 -14.91 -1.55 -8.87
CA TRP A 127 -14.90 -2.09 -10.26
C TRP A 127 -15.19 -3.60 -10.24
N ASP A 128 -15.97 -4.06 -11.22
CA ASP A 128 -16.12 -5.50 -11.53
C ASP A 128 -14.89 -5.98 -12.31
N VAL A 129 -14.13 -6.91 -11.76
CA VAL A 129 -12.86 -7.43 -12.35
C VAL A 129 -13.15 -8.13 -13.68
N LYS A 130 -14.23 -8.88 -13.78
CA LYS A 130 -14.45 -9.74 -14.98
C LYS A 130 -14.73 -8.83 -16.18
N THR A 131 -15.59 -7.82 -16.02
CA THR A 131 -16.10 -6.93 -17.10
C THR A 131 -15.30 -5.61 -17.18
N GLY A 132 -14.64 -5.19 -16.10
CA GLY A 132 -13.91 -3.92 -16.04
C GLY A 132 -14.83 -2.70 -15.96
N LYS A 133 -16.14 -2.88 -15.81
CA LYS A 133 -17.11 -1.77 -15.64
C LYS A 133 -17.04 -1.25 -14.21
N CYS A 134 -17.28 0.04 -14.04
CA CYS A 134 -17.42 0.69 -12.72
C CYS A 134 -18.81 0.34 -12.18
N LEU A 135 -18.89 -0.27 -11.00
CA LEU A 135 -20.18 -0.63 -10.34
C LEU A 135 -20.70 0.55 -9.54
N LYS A 136 -19.84 1.24 -8.78
CA LYS A 136 -20.23 2.39 -7.93
C LYS A 136 -19.13 3.47 -7.90
N THR A 137 -19.57 4.71 -7.76
CA THR A 137 -18.74 5.93 -7.59
C THR A 137 -19.14 6.57 -6.26
N LEU A 138 -18.25 6.56 -5.27
CA LEU A 138 -18.52 7.14 -3.91
C LEU A 138 -17.93 8.53 -3.84
N PRO A 139 -18.74 9.55 -3.47
CA PRO A 139 -18.24 10.91 -3.29
C PRO A 139 -17.55 11.00 -1.91
N ALA A 140 -16.42 10.32 -1.78
CA ALA A 140 -15.88 9.90 -0.48
C ALA A 140 -15.25 11.06 0.28
N HIS A 141 -14.58 11.98 -0.40
CA HIS A 141 -13.69 12.98 0.25
C HIS A 141 -13.76 14.32 -0.48
N SER A 142 -13.17 15.35 0.12
CA SER A 142 -13.14 16.75 -0.42
C SER A 142 -11.69 17.15 -0.77
N ASP A 143 -10.79 16.18 -0.92
CA ASP A 143 -9.38 16.38 -1.37
C ASP A 143 -8.88 15.02 -1.89
N PRO A 144 -7.69 14.91 -2.53
CA PRO A 144 -7.23 13.63 -3.05
C PRO A 144 -7.27 12.46 -2.04
N VAL A 145 -7.63 11.26 -2.53
CA VAL A 145 -7.73 10.00 -1.74
C VAL A 145 -6.38 9.30 -1.75
N SER A 146 -5.80 9.13 -0.57
CA SER A 146 -4.40 8.69 -0.36
C SER A 146 -4.31 7.15 -0.26
N ALA A 147 -5.38 6.48 0.20
CA ALA A 147 -5.37 5.02 0.41
C ALA A 147 -6.79 4.44 0.44
N VAL A 148 -6.90 3.19 -0.02
CA VAL A 148 -8.12 2.34 0.00
C VAL A 148 -7.69 0.90 0.32
N HIS A 149 -8.52 0.19 1.07
CA HIS A 149 -8.25 -1.19 1.55
C HIS A 149 -9.57 -1.87 1.91
N PHE A 150 -9.70 -3.14 1.54
CA PHE A 150 -10.80 -4.03 1.98
C PHE A 150 -10.41 -4.73 3.29
N ASN A 151 -11.39 -5.04 4.12
CA ASN A 151 -11.21 -5.84 5.36
C ASN A 151 -11.21 -7.32 4.97
N ARG A 152 -11.06 -8.21 5.95
CA ARG A 152 -10.69 -9.63 5.73
C ARG A 152 -11.80 -10.38 4.98
N ASP A 153 -13.07 -9.95 5.06
CA ASP A 153 -14.18 -10.67 4.36
C ASP A 153 -14.70 -9.80 3.21
N GLY A 154 -14.06 -8.66 2.95
CA GLY A 154 -14.37 -7.76 1.82
C GLY A 154 -15.71 -7.06 1.96
N SER A 155 -16.26 -6.97 3.18
CA SER A 155 -17.61 -6.40 3.41
C SER A 155 -17.48 -4.91 3.71
N LEU A 156 -16.24 -4.44 3.96
CA LEU A 156 -15.95 -3.04 4.33
C LEU A 156 -14.76 -2.52 3.50
N ILE A 157 -14.78 -1.24 3.19
CA ILE A 157 -13.64 -0.50 2.59
C ILE A 157 -13.25 0.60 3.55
N VAL A 158 -11.96 0.80 3.80
CA VAL A 158 -11.48 1.99 4.52
C VAL A 158 -10.78 2.91 3.53
N SER A 159 -11.07 4.21 3.60
CA SER A 159 -10.44 5.26 2.75
C SER A 159 -9.86 6.36 3.64
N SER A 160 -8.85 7.04 3.11
CA SER A 160 -8.13 8.14 3.78
C SER A 160 -7.90 9.24 2.75
N SER A 161 -7.65 10.45 3.20
CA SER A 161 -7.61 11.64 2.32
C SER A 161 -6.83 12.78 2.97
N TYR A 162 -6.34 13.67 2.12
CA TYR A 162 -5.74 14.97 2.50
C TYR A 162 -6.80 15.87 3.14
N ASP A 163 -8.10 15.52 3.08
CA ASP A 163 -9.17 16.32 3.73
C ASP A 163 -9.15 16.05 5.25
N GLY A 164 -8.31 15.11 5.70
CA GLY A 164 -8.05 14.84 7.14
C GLY A 164 -8.98 13.79 7.70
N LEU A 165 -9.75 13.12 6.84
CA LEU A 165 -10.75 12.12 7.28
C LEU A 165 -10.27 10.70 6.94
N CYS A 166 -10.70 9.77 7.75
CA CYS A 166 -10.65 8.35 7.48
C CYS A 166 -12.10 7.87 7.53
N ARG A 167 -12.61 7.21 6.50
CA ARG A 167 -14.01 6.73 6.49
C ARG A 167 -14.05 5.22 6.22
N ILE A 168 -15.11 4.56 6.67
CA ILE A 168 -15.36 3.14 6.36
C ILE A 168 -16.68 3.01 5.60
N TRP A 169 -16.70 2.19 4.57
CA TRP A 169 -17.86 2.05 3.64
C TRP A 169 -18.35 0.60 3.63
N ASP A 170 -19.67 0.45 3.58
CA ASP A 170 -20.32 -0.85 3.25
C ASP A 170 -20.07 -1.11 1.77
N THR A 171 -19.35 -2.18 1.45
CA THR A 171 -19.00 -2.57 0.05
C THR A 171 -20.26 -2.68 -0.79
N ALA A 172 -21.25 -3.47 -0.34
CA ALA A 172 -22.43 -3.90 -1.13
C ALA A 172 -23.29 -2.71 -1.57
N SER A 173 -23.50 -1.73 -0.68
CA SER A 173 -24.38 -0.54 -0.86
C SER A 173 -23.56 0.72 -1.12
N GLY A 174 -22.29 0.71 -0.72
CA GLY A 174 -21.39 1.86 -0.83
C GLY A 174 -21.79 3.01 0.08
N GLN A 175 -22.45 2.75 1.21
CA GLN A 175 -22.90 3.81 2.16
C GLN A 175 -21.88 3.91 3.29
N CYS A 176 -21.65 5.13 3.78
CA CYS A 176 -20.68 5.39 4.87
C CYS A 176 -21.20 4.76 6.17
N LEU A 177 -20.42 3.89 6.79
CA LEU A 177 -20.78 3.27 8.09
C LEU A 177 -20.25 4.14 9.21
N LYS A 178 -19.07 4.77 9.04
CA LYS A 178 -18.64 5.84 9.96
C LYS A 178 -17.42 6.61 9.44
N THR A 179 -17.26 7.82 9.99
CA THR A 179 -16.09 8.70 9.85
C THR A 179 -15.25 8.57 11.12
N LEU A 180 -14.14 7.85 11.01
CA LEU A 180 -13.22 7.49 12.12
C LEU A 180 -12.39 8.69 12.54
N ILE A 181 -11.60 9.24 11.63
CA ILE A 181 -10.79 10.46 11.95
C ILE A 181 -11.54 11.61 11.30
N ASP A 182 -12.14 12.50 12.11
CA ASP A 182 -12.96 13.64 11.59
C ASP A 182 -12.22 14.95 11.82
N ASP A 183 -10.92 14.89 12.12
CA ASP A 183 -10.11 16.12 12.35
C ASP A 183 -10.05 16.90 11.04
N ASP A 184 -9.99 18.24 11.12
CA ASP A 184 -9.89 19.09 9.91
C ASP A 184 -8.60 18.73 9.19
N ASN A 185 -7.52 18.60 9.97
CA ASN A 185 -6.17 18.13 9.54
C ASN A 185 -5.42 17.66 10.80
N PRO A 186 -4.37 16.81 10.75
CA PRO A 186 -3.43 16.70 9.64
C PRO A 186 -3.96 15.77 8.54
N PRO A 187 -3.53 15.91 7.28
CA PRO A 187 -3.95 15.02 6.22
C PRO A 187 -3.63 13.56 6.56
N VAL A 188 -4.58 12.66 6.30
CA VAL A 188 -4.39 11.20 6.49
C VAL A 188 -3.77 10.65 5.21
N SER A 189 -2.49 10.27 5.29
CA SER A 189 -1.62 9.90 4.14
C SER A 189 -1.70 8.41 3.82
N PHE A 190 -2.19 7.58 4.74
CA PHE A 190 -2.29 6.12 4.55
C PHE A 190 -3.23 5.49 5.58
N VAL A 191 -3.95 4.43 5.17
CA VAL A 191 -4.79 3.60 6.09
C VAL A 191 -4.83 2.18 5.55
N LYS A 192 -4.91 1.22 6.46
CA LYS A 192 -5.29 -0.17 6.12
C LYS A 192 -5.85 -0.90 7.34
N PHE A 193 -6.68 -1.90 7.09
CA PHE A 193 -7.17 -2.84 8.12
C PHE A 193 -6.02 -3.74 8.60
N SER A 194 -6.10 -4.14 9.86
CA SER A 194 -5.25 -5.17 10.47
C SER A 194 -5.67 -6.52 9.88
N PRO A 195 -4.79 -7.53 9.88
CA PRO A 195 -5.14 -8.83 9.29
C PRO A 195 -6.47 -9.43 9.78
N ASN A 196 -6.90 -9.14 11.03
CA ASN A 196 -8.16 -9.68 11.62
C ASN A 196 -9.34 -8.76 11.31
N GLY A 197 -9.08 -7.56 10.77
CA GLY A 197 -10.12 -6.60 10.34
C GLY A 197 -10.73 -5.89 11.52
N LYS A 198 -10.06 -5.95 12.68
CA LYS A 198 -10.56 -5.40 13.96
C LYS A 198 -10.03 -3.98 14.14
N TYR A 199 -8.79 -3.73 13.73
CA TYR A 199 -8.14 -2.42 13.88
C TYR A 199 -7.90 -1.81 12.51
N ILE A 200 -7.51 -0.53 12.53
CA ILE A 200 -7.13 0.30 11.36
C ILE A 200 -5.84 1.02 11.69
N LEU A 201 -4.83 0.88 10.84
CA LEU A 201 -3.54 1.61 10.97
C LEU A 201 -3.64 2.85 10.09
N ALA A 202 -3.39 4.02 10.65
CA ALA A 202 -3.56 5.31 9.95
C ALA A 202 -2.34 6.19 10.15
N ALA A 203 -1.76 6.68 9.06
CA ALA A 203 -0.67 7.67 9.07
C ALA A 203 -1.29 9.06 8.84
N THR A 204 -0.77 10.04 9.57
CA THR A 204 -1.12 11.48 9.42
C THR A 204 0.20 12.20 9.12
N LEU A 205 0.13 13.34 8.43
CA LEU A 205 1.35 14.05 7.96
C LEU A 205 1.86 14.95 9.07
N ASP A 206 1.89 14.43 10.29
CA ASP A 206 2.52 15.09 11.46
C ASP A 206 3.44 14.07 12.12
N ASN A 207 4.08 13.19 11.34
CA ASN A 207 5.14 12.26 11.81
C ASN A 207 4.55 11.25 12.79
N THR A 208 3.28 10.87 12.61
CA THR A 208 2.52 10.05 13.59
C THR A 208 1.82 8.89 12.89
N LEU A 209 1.89 7.71 13.47
CA LEU A 209 1.02 6.56 13.13
C LEU A 209 0.13 6.24 14.31
N LYS A 210 -1.07 5.74 14.05
CA LYS A 210 -2.02 5.39 15.12
C LYS A 210 -2.79 4.10 14.77
N LEU A 211 -3.05 3.31 15.79
CA LEU A 211 -3.86 2.08 15.67
C LEU A 211 -5.22 2.34 16.31
N TRP A 212 -6.30 2.20 15.53
CA TRP A 212 -7.68 2.52 15.97
C TRP A 212 -8.46 1.23 16.18
N ASP A 213 -9.31 1.16 17.20
CA ASP A 213 -10.34 0.10 17.33
C ASP A 213 -11.50 0.51 16.44
N TYR A 214 -11.69 -0.17 15.30
CA TYR A 214 -12.70 0.24 14.29
C TYR A 214 -14.07 0.29 14.98
N SER A 215 -14.43 -0.76 15.74
CA SER A 215 -15.77 -0.90 16.36
C SER A 215 -16.01 0.26 17.34
N LYS A 216 -15.02 0.60 18.16
CA LYS A 216 -15.19 1.57 19.28
C LYS A 216 -14.84 2.98 18.79
N GLY A 217 -14.15 3.07 17.64
CA GLY A 217 -13.79 4.34 16.99
C GLY A 217 -12.85 5.14 17.87
N LYS A 218 -11.85 4.49 18.45
CA LYS A 218 -10.89 5.17 19.36
C LYS A 218 -9.48 4.59 19.21
N CYS A 219 -8.50 5.44 19.51
CA CYS A 219 -7.06 5.26 19.23
C CYS A 219 -6.43 4.40 20.34
N LEU A 220 -5.95 3.20 20.01
CA LEU A 220 -5.36 2.27 21.01
C LEU A 220 -3.88 2.59 21.20
N LYS A 221 -3.18 3.04 20.15
CA LYS A 221 -1.69 3.16 20.18
C LYS A 221 -1.20 4.24 19.21
N THR A 222 0.02 4.70 19.43
CA THR A 222 0.63 5.82 18.69
C THR A 222 2.10 5.48 18.53
N TYR A 223 2.61 5.63 17.31
CA TYR A 223 4.02 5.30 16.98
C TYR A 223 4.64 6.55 16.35
N THR A 224 5.82 6.95 16.84
CA THR A 224 6.53 8.19 16.44
C THR A 224 8.03 7.91 16.44
N GLY A 225 8.82 8.88 15.98
CA GLY A 225 10.28 8.81 15.90
C GLY A 225 10.74 8.95 14.47
N HIS A 226 9.87 8.55 13.54
CA HIS A 226 10.08 8.71 12.07
C HIS A 226 9.67 10.12 11.63
N LYS A 227 9.81 10.38 10.34
CA LYS A 227 9.61 11.70 9.70
C LYS A 227 8.54 11.52 8.62
N ASN A 228 7.40 12.20 8.68
CA ASN A 228 6.36 11.99 7.65
C ASN A 228 5.50 13.24 7.59
N GLU A 229 5.92 14.21 6.80
CA GLU A 229 5.24 15.53 6.71
C GLU A 229 4.76 15.78 5.29
N LYS A 230 5.16 14.97 4.31
CA LYS A 230 4.93 15.30 2.89
C LYS A 230 4.31 14.14 2.10
N TYR A 231 4.79 12.90 2.27
CA TYR A 231 4.53 11.79 1.32
C TYR A 231 3.54 10.79 1.90
N CYS A 232 2.79 10.13 1.02
CA CYS A 232 1.85 9.05 1.37
C CYS A 232 2.64 7.74 1.46
N ILE A 233 3.03 7.38 2.68
CA ILE A 233 4.03 6.31 2.94
C ILE A 233 3.29 5.12 3.51
N PHE A 234 3.52 3.95 2.91
CA PHE A 234 2.83 2.70 3.30
C PHE A 234 3.28 2.31 4.69
N ALA A 235 2.42 1.59 5.40
CA ALA A 235 2.75 0.99 6.70
C ALA A 235 2.18 -0.43 6.73
N ASN A 236 2.74 -1.29 7.57
CA ASN A 236 2.44 -2.74 7.54
C ASN A 236 2.37 -3.32 8.95
N PHE A 237 1.52 -4.33 9.11
CA PHE A 237 1.51 -5.34 10.20
C PHE A 237 2.46 -6.50 9.81
N SER A 238 3.63 -6.56 10.45
CA SER A 238 4.57 -7.73 10.41
C SER A 238 4.10 -8.79 11.42
N VAL A 239 3.78 -9.99 10.96
CA VAL A 239 3.05 -11.00 11.77
C VAL A 239 3.67 -12.40 11.60
N THR A 240 4.78 -12.54 10.89
CA THR A 240 5.42 -13.87 10.62
C THR A 240 6.32 -14.26 11.79
N GLY A 241 6.88 -13.30 12.51
CA GLY A 241 7.70 -13.55 13.70
C GLY A 241 7.15 -12.77 14.87
N GLY A 242 7.92 -11.81 15.37
CA GLY A 242 7.45 -10.79 16.32
C GLY A 242 6.41 -9.89 15.68
N LYS A 243 5.54 -9.31 16.48
CA LYS A 243 4.39 -8.54 15.97
C LYS A 243 4.86 -7.09 15.88
N TRP A 244 5.17 -6.64 14.66
CA TRP A 244 5.76 -5.30 14.47
C TRP A 244 4.80 -4.39 13.70
N ILE A 245 5.08 -3.10 13.76
CA ILE A 245 4.59 -2.08 12.79
C ILE A 245 5.80 -1.66 11.98
N VAL A 246 5.66 -1.62 10.65
CA VAL A 246 6.75 -1.29 9.68
C VAL A 246 6.33 -0.07 8.87
N SER A 247 7.24 0.87 8.69
CA SER A 247 7.00 2.09 7.89
C SER A 247 8.31 2.59 7.29
N GLY A 248 8.21 3.22 6.12
CA GLY A 248 9.25 4.07 5.54
C GLY A 248 9.29 5.42 6.26
N SER A 249 10.16 6.32 5.83
CA SER A 249 10.42 7.62 6.48
C SER A 249 11.10 8.57 5.51
N GLU A 250 11.01 9.88 5.75
CA GLU A 250 11.58 10.94 4.88
C GLU A 250 13.04 11.21 5.30
N ASP A 251 13.53 10.48 6.28
CA ASP A 251 14.99 10.44 6.63
C ASP A 251 15.64 9.21 6.01
N ASN A 252 15.05 8.58 4.98
CA ASN A 252 15.70 7.51 4.18
C ASN A 252 15.86 6.22 4.98
N LEU A 253 15.07 6.00 6.04
CA LEU A 253 15.20 4.81 6.90
C LEU A 253 13.89 4.03 6.91
N VAL A 254 13.97 2.75 7.20
CA VAL A 254 12.78 1.91 7.54
C VAL A 254 12.70 1.84 9.06
N TYR A 255 11.52 2.16 9.61
CA TYR A 255 11.23 2.11 11.07
C TYR A 255 10.44 0.84 11.36
N ILE A 256 10.88 0.09 12.38
CA ILE A 256 10.12 -1.04 12.98
C ILE A 256 9.82 -0.72 14.44
N TRP A 257 8.58 -0.93 14.86
CA TRP A 257 8.11 -0.73 16.25
C TRP A 257 7.56 -2.05 16.80
N ASN A 258 7.75 -2.29 18.10
CA ASN A 258 6.91 -3.27 18.84
C ASN A 258 5.47 -2.73 18.84
N LEU A 259 4.52 -3.53 18.41
CA LEU A 259 3.11 -3.10 18.23
C LEU A 259 2.52 -2.76 19.60
N GLN A 260 2.77 -3.59 20.62
CA GLN A 260 2.18 -3.42 21.98
C GLN A 260 2.89 -2.29 22.74
N THR A 261 4.23 -2.28 22.77
CA THR A 261 5.00 -1.36 23.65
C THR A 261 5.22 -0.01 22.97
N LYS A 262 5.07 0.04 21.64
CA LYS A 262 5.20 1.26 20.81
C LYS A 262 6.67 1.71 20.83
N GLU A 263 7.60 0.80 21.12
CA GLU A 263 9.05 1.13 21.17
C GLU A 263 9.66 0.86 19.80
N ILE A 264 10.59 1.72 19.38
CA ILE A 264 11.38 1.52 18.13
C ILE A 264 12.33 0.36 18.39
N VAL A 265 12.20 -0.74 17.63
CA VAL A 265 13.02 -1.98 17.83
C VAL A 265 14.02 -2.17 16.68
N GLN A 266 13.86 -1.47 15.54
CA GLN A 266 14.92 -1.42 14.48
C GLN A 266 14.77 -0.20 13.57
N LYS A 267 15.90 0.22 13.00
CA LYS A 267 15.95 1.29 11.97
C LYS A 267 16.85 0.76 10.86
N LEU A 268 16.35 0.64 9.63
CA LEU A 268 17.10 -0.01 8.52
C LEU A 268 17.75 1.07 7.64
N GLN A 269 19.07 1.01 7.53
CA GLN A 269 19.88 2.07 6.88
C GLN A 269 20.45 1.53 5.57
N GLY A 270 20.26 2.27 4.47
CA GLY A 270 20.76 1.88 3.15
C GLY A 270 20.23 2.78 2.06
N HIS A 271 18.97 3.15 2.12
CA HIS A 271 18.35 3.98 1.06
C HIS A 271 19.03 5.36 1.07
N THR A 272 19.02 6.02 -0.07
CA THR A 272 19.59 7.37 -0.29
C THR A 272 18.50 8.34 -0.70
N ASP A 273 17.24 7.98 -0.47
CA ASP A 273 16.08 8.89 -0.65
C ASP A 273 14.92 8.39 0.22
N VAL A 274 13.86 9.19 0.31
CA VAL A 274 12.63 8.86 1.07
C VAL A 274 12.25 7.41 0.77
N VAL A 275 12.06 6.59 1.81
CA VAL A 275 11.51 5.22 1.66
C VAL A 275 9.98 5.35 1.61
N ILE A 276 9.41 5.25 0.42
CA ILE A 276 7.98 5.56 0.17
C ILE A 276 7.10 4.34 0.48
N SER A 277 7.66 3.13 0.38
CA SER A 277 6.87 1.87 0.38
C SER A 277 7.66 0.74 1.06
N THR A 278 6.96 -0.04 1.87
CA THR A 278 7.48 -1.22 2.57
C THR A 278 6.41 -2.28 2.41
N ALA A 279 6.82 -3.54 2.37
CA ALA A 279 5.92 -4.71 2.34
C ALA A 279 6.55 -5.83 3.15
N CYS A 280 5.70 -6.60 3.81
CA CYS A 280 6.06 -7.76 4.66
C CYS A 280 5.68 -9.04 3.92
N HIS A 281 6.64 -9.94 3.82
CA HIS A 281 6.44 -11.27 3.18
C HIS A 281 5.37 -12.06 3.96
N PRO A 282 4.41 -12.70 3.27
CA PRO A 282 3.32 -13.40 3.95
C PRO A 282 3.73 -14.61 4.82
N THR A 283 4.92 -15.22 4.62
CA THR A 283 5.31 -16.45 5.39
C THR A 283 6.72 -16.34 5.98
N GLU A 284 7.67 -15.61 5.40
CA GLU A 284 9.05 -15.48 5.96
C GLU A 284 9.26 -14.09 6.56
N ASN A 285 10.27 -13.94 7.41
CA ASN A 285 10.64 -12.63 8.01
C ASN A 285 11.48 -11.89 6.98
N ILE A 286 10.82 -11.40 5.94
CA ILE A 286 11.48 -10.59 4.87
C ILE A 286 10.69 -9.29 4.67
N ILE A 287 11.43 -8.20 4.49
CA ILE A 287 10.86 -6.87 4.18
C ILE A 287 11.40 -6.41 2.83
N ALA A 288 10.53 -5.83 2.02
CA ALA A 288 10.91 -5.05 0.83
C ALA A 288 10.69 -3.58 1.15
N SER A 289 11.68 -2.78 0.81
CA SER A 289 11.67 -1.31 0.94
C SER A 289 12.02 -0.71 -0.42
N ALA A 290 11.47 0.45 -0.75
CA ALA A 290 11.69 1.12 -2.04
C ALA A 290 11.65 2.62 -1.81
N ALA A 291 12.35 3.36 -2.67
CA ALA A 291 12.73 4.77 -2.42
C ALA A 291 12.47 5.62 -3.67
N LEU A 292 12.64 6.94 -3.54
CA LEU A 292 12.28 7.93 -4.60
C LEU A 292 13.49 8.27 -5.50
N GLU A 293 13.29 9.18 -6.47
CA GLU A 293 14.17 9.50 -7.65
C GLU A 293 15.67 9.36 -7.34
N ASN A 294 16.17 9.91 -6.24
CA ASN A 294 17.64 9.99 -6.01
C ASN A 294 18.23 8.58 -5.77
N ASP A 295 17.38 7.55 -5.64
CA ASP A 295 17.79 6.20 -5.19
C ASP A 295 17.27 5.18 -6.20
N LYS A 296 15.94 4.98 -6.25
CA LYS A 296 15.24 4.21 -7.32
C LYS A 296 15.47 2.71 -7.20
N THR A 297 16.02 2.25 -6.08
CA THR A 297 16.27 0.80 -5.86
C THR A 297 15.26 0.29 -4.87
N ILE A 298 15.11 -1.03 -4.89
CA ILE A 298 14.32 -1.83 -3.92
C ILE A 298 15.33 -2.61 -3.11
N LYS A 299 15.13 -2.72 -1.81
CA LYS A 299 16.03 -3.52 -0.96
C LYS A 299 15.21 -4.60 -0.27
N LEU A 300 15.73 -5.83 -0.26
CA LEU A 300 15.17 -6.98 0.46
C LEU A 300 16.01 -7.22 1.70
N TRP A 301 15.35 -7.25 2.85
CA TRP A 301 15.95 -7.45 4.19
C TRP A 301 15.40 -8.75 4.78
N LYS A 302 16.22 -9.49 5.53
CA LYS A 302 15.80 -10.76 6.19
C LYS A 302 16.23 -10.74 7.67
N SER A 303 15.38 -11.33 8.53
CA SER A 303 15.52 -11.39 10.00
C SER A 303 15.32 -12.85 10.49
N ASP A 304 15.93 -13.19 11.62
CA ASP A 304 15.75 -14.48 12.34
C ASP A 304 14.46 -14.46 13.17
N CYS A 305 13.97 -13.24 13.53
CA CYS A 305 12.81 -13.00 14.45
C CYS A 305 11.80 -12.05 13.82
N12 OH4 B . 0.85 5.35 -3.48
C13 OH4 B . 4.57 8.25 -5.89
C15 OH4 B . 3.80 8.46 -8.18
C17 OH4 B . 6.06 7.75 -7.72
C01 OH4 B . 5.49 10.52 -4.35
O02 OH4 B . 4.33 9.76 -4.08
C03 OH4 B . 4.35 8.38 -4.38
C04 OH4 B . 3.04 7.81 -3.82
C05 OH4 B . 3.15 6.38 -3.29
C06 OH4 B . 1.84 5.85 -2.74
N07 OH4 B . 1.47 5.80 -1.44
C08 OH4 B . 0.25 5.28 -1.37
C09 OH4 B . -0.54 5.03 -0.08
O10 OH4 B . -1.73 4.30 -0.33
C11 OH4 B . -0.14 4.99 -2.68
C14 OH4 B . 3.56 8.56 -6.81
C16 OH4 B . 5.04 8.06 -8.64
C18 OH4 B . 5.83 7.86 -6.35
C1 PEG C . 1.60 -5.89 3.18
O1 PEG C . 2.80 -6.13 3.87
C2 PEG C . 0.75 -7.13 3.10
O2 PEG C . -0.64 -6.79 3.04
C3 PEG C . -1.06 -6.22 1.81
C4 PEG C . -2.33 -6.89 1.34
O4 PEG C . -3.49 -6.37 1.97
#